data_4IE5
#
_entry.id   4IE5
#
_cell.length_a   141.391
_cell.length_b   141.391
_cell.length_c   84.184
_cell.angle_alpha   90.000
_cell.angle_beta   90.000
_cell.angle_gamma   120.000
#
_symmetry.space_group_name_H-M   'H 3'
#
loop_
_entity.id
_entity.type
_entity.pdbx_description
1 polymer 'Alpha-ketoglutarate-dependent dioxygenase FTO'
2 non-polymer 'ZINC ION'
3 non-polymer N-[(3-hydroxypyridin-2-yl)carbonyl]glycine
4 non-polymer GLYCEROL
5 water water
#
_entity_poly.entity_id   1
_entity_poly.type   'polypeptide(L)'
_entity_poly.pdbx_seq_one_letter_code
;MGSSHHHHHHSSGLVPRGSHMTPKDDEFYQQWQLKYPKLILREASSVSEELHKEVQEAFLTLHKHGCLFRDLVRIQGKDL
LTPVSRILIGNPGCTYKYLNTRLFTVPWPVKGSNIKHTEAEIAAACETFLKLNDYLQIETIQALEELAAKEKANEDAVPL
CMSADFPRVGMGSSYNGQDEVDIKSRAAYNVTLLNFMDPQKMPYLKEEPYFGMGKMAVSWHHDENLVDRSAVAVYSYSCE
GPEEESEDDSHLEGRDPDIWHVGFKISWDIETPGLAIPLHQGDCYFMLDDLNATHQHCVLAGSQPRFSSTHRVAECSTGT
LDYILQRCQLALQNVCDDVDNDDVSLKSFEPAVLKQGEEIHNEVEFEWLRQFWFQGNRYRKCTDWWCQPMAQLEALWKKM
EGVTNAVLHEVKREGLPVEQRNEILTAILASLTARQNLRREWHARCQSRIARTLPADQKPECRPYWEKDDASMPLPFDLT
DIVSELRGQLLEAKP
;
_entity_poly.pdbx_strand_id   A
#
# COMPACT_ATOMS: atom_id res chain seq x y z
N ARG A 17 -2.47 -36.48 5.60
CA ARG A 17 -2.43 -35.33 4.69
C ARG A 17 -3.17 -34.14 5.30
N GLY A 18 -2.76 -32.92 4.92
CA GLY A 18 -3.48 -31.72 5.33
C GLY A 18 -4.87 -31.72 4.71
N SER A 19 -5.84 -31.14 5.42
CA SER A 19 -7.22 -31.11 4.94
C SER A 19 -7.90 -29.78 5.25
N HIS A 20 -9.08 -29.56 4.67
CA HIS A 20 -9.84 -28.38 5.04
C HIS A 20 -11.31 -28.73 5.30
N MET A 21 -12.02 -27.79 5.92
CA MET A 21 -13.44 -27.95 6.22
C MET A 21 -14.26 -26.87 5.55
N THR A 22 -15.46 -27.25 5.12
CA THR A 22 -16.43 -26.33 4.58
C THR A 22 -17.77 -26.62 5.31
N PRO A 23 -18.81 -25.82 5.02
CA PRO A 23 -20.12 -26.10 5.63
C PRO A 23 -20.63 -27.52 5.43
N LYS A 24 -20.06 -28.23 4.46
CA LYS A 24 -20.51 -29.59 4.20
C LYS A 24 -20.01 -30.55 5.29
N ASP A 25 -18.99 -30.13 6.04
CA ASP A 25 -18.41 -30.98 7.07
C ASP A 25 -19.05 -30.78 8.44
N ASP A 26 -19.35 -31.87 9.12
CA ASP A 26 -20.07 -31.82 10.39
C ASP A 26 -19.28 -31.05 11.43
N GLU A 27 -17.95 -31.11 11.35
CA GLU A 27 -17.07 -30.45 12.31
C GLU A 27 -16.81 -28.97 12.01
N PHE A 28 -17.30 -28.48 10.88
CA PHE A 28 -17.02 -27.13 10.41
C PHE A 28 -17.41 -26.08 11.43
N TYR A 29 -18.62 -26.21 11.96
CA TYR A 29 -19.15 -25.18 12.84
C TYR A 29 -18.45 -25.15 14.18
N GLN A 30 -18.18 -26.31 14.76
CA GLN A 30 -17.49 -26.30 16.05
C GLN A 30 -16.03 -25.90 15.86
N GLN A 31 -15.45 -26.18 14.70
CA GLN A 31 -14.08 -25.77 14.49
C GLN A 31 -13.97 -24.26 14.30
N TRP A 32 -15.00 -23.69 13.68
CA TRP A 32 -15.05 -22.25 13.45
C TRP A 32 -15.10 -21.55 14.82
N GLN A 33 -15.97 -22.06 15.67
CA GLN A 33 -16.13 -21.52 17.02
C GLN A 33 -14.88 -21.73 17.89
N LEU A 34 -14.21 -22.86 17.74
CA LEU A 34 -13.07 -23.20 18.59
C LEU A 34 -11.73 -22.57 18.20
N LYS A 35 -11.48 -22.50 16.89
CA LYS A 35 -10.14 -22.21 16.39
C LYS A 35 -10.12 -20.97 15.51
N TYR A 36 -11.31 -20.47 15.14
CA TYR A 36 -11.40 -19.28 14.28
C TYR A 36 -12.51 -18.32 14.71
N PRO A 37 -12.71 -18.12 16.02
CA PRO A 37 -13.86 -17.32 16.45
C PRO A 37 -13.84 -15.83 16.07
N LYS A 38 -12.68 -15.22 15.84
CA LYS A 38 -12.64 -13.79 15.50
C LYS A 38 -12.94 -13.55 14.01
N LEU A 39 -13.34 -14.62 13.32
CA LEU A 39 -13.83 -14.54 11.96
C LEU A 39 -15.35 -14.50 11.97
N ILE A 40 -15.91 -13.49 11.34
CA ILE A 40 -17.35 -13.30 11.32
C ILE A 40 -17.84 -13.23 9.89
N LEU A 41 -19.04 -13.77 9.69
CA LEU A 41 -19.63 -13.85 8.38
C LEU A 41 -21.02 -13.25 8.44
N ARG A 42 -21.27 -12.27 7.56
CA ARG A 42 -22.58 -11.66 7.41
C ARG A 42 -23.05 -11.95 6.00
N GLU A 43 -24.02 -12.84 5.89
CA GLU A 43 -24.49 -13.27 4.59
C GLU A 43 -25.22 -12.17 3.85
N ALA A 44 -25.34 -12.32 2.54
CA ALA A 44 -25.90 -11.25 1.70
C ALA A 44 -27.26 -10.77 2.21
N SER A 45 -28.02 -11.68 2.83
CA SER A 45 -29.38 -11.38 3.31
C SER A 45 -29.41 -10.24 4.29
N SER A 46 -28.35 -10.09 5.07
CA SER A 46 -28.31 -9.10 6.12
C SER A 46 -28.04 -7.72 5.57
N VAL A 47 -27.77 -7.63 4.27
CA VAL A 47 -27.49 -6.34 3.61
C VAL A 47 -28.63 -5.97 2.65
N SER A 48 -29.11 -4.73 2.71
CA SER A 48 -30.27 -4.32 1.93
C SER A 48 -30.07 -4.51 0.43
N GLU A 49 -31.16 -4.83 -0.26
CA GLU A 49 -31.15 -4.98 -1.71
C GLU A 49 -30.67 -3.69 -2.37
N GLU A 50 -31.03 -2.54 -1.79
CA GLU A 50 -30.63 -1.24 -2.33
C GLU A 50 -29.11 -1.09 -2.34
N LEU A 51 -28.49 -1.43 -1.21
CA LEU A 51 -27.06 -1.29 -1.09
C LEU A 51 -26.32 -2.27 -2.00
N HIS A 52 -26.83 -3.49 -2.11
CA HIS A 52 -26.25 -4.50 -3.00
C HIS A 52 -26.24 -3.97 -4.43
N LYS A 53 -27.37 -3.39 -4.81
CA LYS A 53 -27.53 -2.89 -6.17
C LYS A 53 -26.52 -1.79 -6.45
N GLU A 54 -26.44 -0.81 -5.56
CA GLU A 54 -25.53 0.31 -5.74
C GLU A 54 -24.05 -0.10 -5.81
N VAL A 55 -23.63 -0.89 -4.84
CA VAL A 55 -22.25 -1.34 -4.75
C VAL A 55 -21.85 -2.16 -5.98
N GLN A 56 -22.75 -3.03 -6.44
CA GLN A 56 -22.46 -3.89 -7.58
C GLN A 56 -22.37 -3.07 -8.88
N GLU A 57 -23.26 -2.10 -9.05
CA GLU A 57 -23.18 -1.18 -10.18
C GLU A 57 -21.88 -0.35 -10.09
N ALA A 58 -21.44 -0.05 -8.88
CA ALA A 58 -20.23 0.74 -8.72
C ALA A 58 -19.00 -0.06 -9.16
N PHE A 59 -18.93 -1.33 -8.75
CA PHE A 59 -17.89 -2.26 -9.21
C PHE A 59 -17.89 -2.30 -10.74
N LEU A 60 -19.06 -2.48 -11.33
CA LEU A 60 -19.13 -2.62 -12.78
C LEU A 60 -18.72 -1.33 -13.46
N THR A 61 -19.02 -0.20 -12.81
CA THR A 61 -18.69 1.09 -13.38
C THR A 61 -17.18 1.25 -13.44
N LEU A 62 -16.51 0.92 -12.34
CA LEU A 62 -15.06 1.09 -12.25
C LEU A 62 -14.35 0.14 -13.20
N HIS A 63 -14.93 -1.04 -13.41
CA HIS A 63 -14.39 -1.99 -14.38
C HIS A 63 -14.49 -1.41 -15.80
N LYS A 64 -15.66 -0.87 -16.13
CA LYS A 64 -15.93 -0.35 -17.48
C LYS A 64 -15.00 0.81 -17.86
N HIS A 65 -14.78 1.72 -16.92
CA HIS A 65 -13.88 2.85 -17.11
C HIS A 65 -12.40 2.44 -17.00
N GLY A 66 -12.15 1.15 -16.81
CA GLY A 66 -10.78 0.65 -16.80
C GLY A 66 -9.94 1.09 -15.61
N CYS A 67 -10.57 1.21 -14.45
CA CYS A 67 -9.88 1.79 -13.28
C CYS A 67 -9.12 0.79 -12.41
N LEU A 68 -9.20 -0.49 -12.72
CA LEU A 68 -8.49 -1.49 -11.91
C LEU A 68 -7.27 -2.02 -12.67
N PHE A 69 -6.15 -2.08 -11.98
CA PHE A 69 -4.88 -2.47 -12.58
C PHE A 69 -4.20 -3.57 -11.75
N ARG A 70 -3.62 -4.54 -12.43
CA ARG A 70 -2.71 -5.46 -11.80
C ARG A 70 -1.53 -4.65 -11.27
N ASP A 71 -1.07 -4.98 -10.08
CA ASP A 71 0.02 -4.26 -9.44
C ASP A 71 1.31 -5.05 -9.66
N LEU A 72 2.36 -4.31 -10.00
CA LEU A 72 3.69 -4.86 -10.19
C LEU A 72 4.41 -4.72 -8.85
N VAL A 73 4.29 -5.76 -8.04
CA VAL A 73 4.78 -5.73 -6.67
C VAL A 73 6.12 -6.46 -6.61
N ARG A 74 6.64 -6.59 -5.40
CA ARG A 74 7.90 -7.30 -5.18
C ARG A 74 7.78 -8.22 -3.98
N ILE A 75 8.13 -9.49 -4.21
CA ILE A 75 7.93 -10.54 -3.24
C ILE A 75 9.15 -11.43 -3.23
N GLN A 76 9.75 -11.59 -2.05
CA GLN A 76 10.99 -12.36 -1.91
C GLN A 76 11.97 -12.01 -3.02
N GLY A 77 12.15 -10.74 -3.31
CA GLY A 77 13.18 -10.32 -4.25
C GLY A 77 12.81 -10.45 -5.73
N LYS A 78 11.57 -10.83 -6.02
CA LYS A 78 11.14 -10.99 -7.41
C LYS A 78 10.01 -10.03 -7.77
N ASP A 79 10.08 -9.51 -8.99
CA ASP A 79 9.07 -8.61 -9.55
C ASP A 79 7.91 -9.41 -10.16
N LEU A 80 6.72 -9.23 -9.58
CA LEU A 80 5.58 -10.06 -9.94
C LEU A 80 4.37 -9.20 -10.19
N LEU A 81 3.69 -9.49 -11.28
CA LEU A 81 2.43 -8.84 -11.60
C LEU A 81 1.32 -9.64 -10.91
N THR A 82 0.57 -9.01 -10.03
CA THR A 82 -0.50 -9.68 -9.33
C THR A 82 -1.57 -10.18 -10.32
N PRO A 83 -2.09 -11.40 -10.13
CA PRO A 83 -3.19 -11.91 -10.95
C PRO A 83 -4.43 -11.03 -10.84
N VAL A 84 -4.63 -10.50 -9.66
CA VAL A 84 -5.79 -9.67 -9.34
C VAL A 84 -5.57 -8.23 -9.81
N SER A 85 -6.60 -7.62 -10.39
CA SER A 85 -6.60 -6.19 -10.68
C SER A 85 -7.17 -5.42 -9.50
N ARG A 86 -6.59 -4.25 -9.22
CA ARG A 86 -6.92 -3.52 -7.99
C ARG A 86 -7.07 -2.03 -8.16
N ILE A 87 -7.76 -1.42 -7.21
CA ILE A 87 -7.77 0.04 -7.12
C ILE A 87 -7.95 0.42 -5.67
N LEU A 88 -7.23 1.43 -5.22
CA LEU A 88 -7.38 1.91 -3.85
C LEU A 88 -8.28 3.13 -3.80
N ILE A 89 -9.36 3.04 -3.04
CA ILE A 89 -10.26 4.20 -2.83
C ILE A 89 -10.22 4.57 -1.36
N GLY A 90 -10.27 5.85 -1.02
CA GLY A 90 -10.18 6.20 0.39
C GLY A 90 -10.03 7.67 0.72
N ASN A 91 -9.65 7.96 1.96
CA ASN A 91 -9.56 9.33 2.40
C ASN A 91 -8.55 10.06 1.53
N PRO A 92 -8.88 11.29 1.13
CA PRO A 92 -7.96 12.14 0.37
C PRO A 92 -6.60 12.22 1.03
N GLY A 93 -5.52 12.00 0.28
CA GLY A 93 -4.16 12.13 0.79
C GLY A 93 -3.62 10.88 1.46
N CYS A 94 -4.46 9.86 1.62
CA CYS A 94 -4.05 8.61 2.25
C CYS A 94 -3.40 7.63 1.24
N THR A 95 -2.48 6.82 1.74
CA THR A 95 -1.86 5.75 1.00
C THR A 95 -1.93 4.43 1.79
N TYR A 96 -1.73 3.32 1.09
CA TYR A 96 -1.75 2.00 1.70
C TYR A 96 -0.62 1.23 1.05
N LYS A 97 0.31 0.74 1.84
CA LYS A 97 1.49 0.09 1.28
C LYS A 97 1.46 -1.42 1.50
N TYR A 98 1.57 -2.18 0.42
CA TYR A 98 1.64 -3.62 0.51
C TYR A 98 2.61 -4.14 -0.55
N LEU A 99 3.29 -5.23 -0.21
CA LEU A 99 4.24 -5.89 -1.12
C LEU A 99 5.16 -4.87 -1.82
N ASN A 100 5.73 -3.99 -1.01
CA ASN A 100 6.66 -2.95 -1.45
C ASN A 100 6.09 -1.97 -2.44
N THR A 101 4.78 -1.83 -2.43
CA THR A 101 4.08 -0.97 -3.37
C THR A 101 3.16 -0.07 -2.58
N ARG A 102 3.40 1.25 -2.68
CA ARG A 102 2.54 2.24 -2.07
C ARG A 102 1.45 2.67 -3.04
N LEU A 103 0.22 2.27 -2.73
CA LEU A 103 -0.95 2.67 -3.48
C LEU A 103 -1.51 3.99 -2.95
N PHE A 104 -1.93 4.85 -3.87
CA PHE A 104 -2.40 6.18 -3.54
C PHE A 104 -3.91 6.23 -3.72
N THR A 105 -4.64 6.82 -2.79
CA THR A 105 -6.09 6.72 -2.87
C THR A 105 -6.66 7.47 -4.06
N VAL A 106 -7.65 6.87 -4.70
CA VAL A 106 -8.63 7.64 -5.46
C VAL A 106 -9.60 8.14 -4.40
N PRO A 107 -9.74 9.46 -4.27
CA PRO A 107 -10.43 10.00 -3.09
C PRO A 107 -11.94 9.79 -3.08
N TRP A 108 -12.49 9.40 -1.92
CA TRP A 108 -13.94 9.40 -1.76
C TRP A 108 -14.34 10.68 -1.05
N PRO A 109 -15.59 11.11 -1.22
CA PRO A 109 -16.04 12.42 -0.74
C PRO A 109 -16.23 12.52 0.77
N VAL A 110 -15.16 12.32 1.53
CA VAL A 110 -15.21 12.48 2.99
C VAL A 110 -15.53 13.94 3.32
N LYS A 111 -16.27 14.13 4.42
CA LYS A 111 -16.79 15.46 4.77
C LYS A 111 -15.70 16.53 4.89
N GLY A 112 -16.02 17.75 4.49
CA GLY A 112 -15.05 18.82 4.45
C GLY A 112 -13.95 18.54 3.42
N SER A 113 -14.29 17.76 2.40
CA SER A 113 -13.40 17.56 1.26
C SER A 113 -13.91 18.41 0.10
N ASN A 114 -13.01 18.83 -0.78
CA ASN A 114 -13.37 19.72 -1.89
C ASN A 114 -13.51 18.98 -3.23
N ILE A 115 -14.43 19.46 -4.06
CA ILE A 115 -14.73 18.84 -5.35
C ILE A 115 -15.52 17.55 -5.14
N THR A 118 -13.13 11.83 -10.09
CA THR A 118 -13.32 13.24 -10.43
C THR A 118 -14.13 13.38 -11.72
N GLU A 119 -14.35 12.26 -12.41
CA GLU A 119 -15.32 12.22 -13.52
C GLU A 119 -16.65 11.67 -12.99
N ALA A 120 -17.77 12.19 -13.49
CA ALA A 120 -19.10 11.93 -12.91
C ALA A 120 -19.34 10.49 -12.41
N GLU A 121 -19.25 9.51 -13.29
CA GLU A 121 -19.58 8.14 -12.91
C GLU A 121 -18.58 7.59 -11.89
N ILE A 122 -17.31 7.91 -12.08
CA ILE A 122 -16.27 7.44 -11.17
C ILE A 122 -16.44 8.08 -9.80
N ALA A 123 -16.77 9.36 -9.77
CA ALA A 123 -16.98 10.06 -8.52
C ALA A 123 -18.17 9.45 -7.76
N ALA A 124 -19.22 9.11 -8.49
CA ALA A 124 -20.38 8.44 -7.91
C ALA A 124 -19.99 7.07 -7.33
N ALA A 125 -19.12 6.35 -8.04
CA ALA A 125 -18.68 5.05 -7.58
C ALA A 125 -17.93 5.16 -6.25
N CYS A 126 -17.04 6.15 -6.15
CA CYS A 126 -16.28 6.37 -4.91
C CYS A 126 -17.20 6.78 -3.75
N GLU A 127 -18.21 7.56 -4.05
CA GLU A 127 -19.23 7.91 -3.06
C GLU A 127 -19.88 6.61 -2.57
N THR A 128 -20.17 5.70 -3.50
CA THR A 128 -20.84 4.45 -3.14
C THR A 128 -19.95 3.63 -2.19
N PHE A 129 -18.67 3.53 -2.49
CA PHE A 129 -17.80 2.79 -1.59
C PHE A 129 -17.62 3.49 -0.23
N LEU A 130 -17.78 4.81 -0.16
CA LEU A 130 -17.84 5.48 1.13
C LEU A 130 -19.13 5.08 1.89
N LYS A 131 -20.25 4.97 1.18
CA LYS A 131 -21.50 4.56 1.82
C LYS A 131 -21.34 3.16 2.41
N LEU A 132 -20.71 2.30 1.62
CA LEU A 132 -20.43 0.92 2.01
C LEU A 132 -19.47 0.92 3.19
N ASN A 133 -18.50 1.81 3.17
CA ASN A 133 -17.55 1.95 4.27
C ASN A 133 -18.29 2.30 5.58
N ASP A 134 -19.25 3.22 5.50
CA ASP A 134 -20.01 3.65 6.69
C ASP A 134 -20.79 2.46 7.27
N TYR A 135 -21.47 1.72 6.39
CA TYR A 135 -22.24 0.56 6.82
C TYR A 135 -21.36 -0.51 7.45
N LEU A 136 -20.22 -0.81 6.84
CA LEU A 136 -19.37 -1.92 7.31
C LEU A 136 -18.74 -1.53 8.63
N GLN A 137 -18.47 -0.24 8.79
CA GLN A 137 -17.92 0.29 10.02
C GLN A 137 -18.92 0.09 11.15
N ILE A 138 -20.19 0.39 10.88
CA ILE A 138 -21.23 0.17 11.89
C ILE A 138 -21.33 -1.33 12.28
N GLU A 139 -21.41 -2.20 11.27
CA GLU A 139 -21.46 -3.66 11.47
C GLU A 139 -20.26 -4.17 12.27
N THR A 140 -19.10 -3.58 12.01
CA THR A 140 -17.87 -4.00 12.65
C THR A 140 -17.89 -3.61 14.12
N ILE A 141 -18.38 -2.41 14.41
CA ILE A 141 -18.42 -1.94 15.77
C ILE A 141 -19.32 -2.85 16.58
N GLN A 142 -20.47 -3.18 16.01
CA GLN A 142 -21.40 -4.07 16.65
C GLN A 142 -20.74 -5.41 16.92
N ALA A 143 -20.01 -5.96 15.95
CA ALA A 143 -19.41 -7.28 16.13
C ALA A 143 -18.31 -7.28 17.19
N LEU A 144 -17.57 -6.18 17.30
CA LEU A 144 -16.50 -6.08 18.29
C LEU A 144 -17.09 -5.94 19.69
N GLU A 145 -18.22 -5.26 19.79
CA GLU A 145 -18.96 -5.16 21.06
C GLU A 145 -19.45 -6.55 21.50
N GLU A 146 -20.04 -7.31 20.58
CA GLU A 146 -20.45 -8.66 20.90
C GLU A 146 -19.26 -9.53 21.30
N LEU A 147 -18.13 -9.35 20.62
CA LEU A 147 -16.93 -10.11 20.92
C LEU A 147 -16.46 -9.86 22.37
N ALA A 148 -16.39 -8.59 22.76
CA ALA A 148 -15.93 -8.24 24.11
C ALA A 148 -16.88 -8.80 25.18
N ALA A 149 -18.17 -8.72 24.90
CA ALA A 149 -19.19 -9.22 25.83
C ALA A 149 -19.07 -10.73 26.01
N LYS A 150 -18.74 -11.43 24.94
CA LYS A 150 -18.50 -12.86 25.01
C LYS A 150 -17.28 -13.11 25.91
N GLU A 151 -16.26 -12.28 25.74
CA GLU A 151 -15.04 -12.39 26.54
C GLU A 151 -15.24 -11.88 27.97
N LYS A 152 -16.30 -11.12 28.19
CA LYS A 152 -16.67 -10.69 29.54
C LYS A 152 -17.18 -11.88 30.36
N ALA A 153 -17.74 -12.87 29.69
CA ALA A 153 -18.19 -14.09 30.34
C ALA A 153 -17.03 -15.07 30.54
N ASN A 154 -16.01 -14.62 31.28
CA ASN A 154 -14.80 -15.41 31.50
C ASN A 154 -14.12 -15.00 32.80
N ASP A 179 -11.37 -0.57 25.61
CA ASP A 179 -12.29 0.55 25.77
C ASP A 179 -13.12 0.74 24.49
N GLU A 180 -14.10 1.64 24.56
CA GLU A 180 -14.98 1.93 23.44
C GLU A 180 -14.23 2.76 22.40
N VAL A 181 -13.27 3.56 22.85
CA VAL A 181 -12.43 4.31 21.92
C VAL A 181 -11.57 3.35 21.08
N ASP A 182 -11.00 2.32 21.71
CA ASP A 182 -10.24 1.32 20.95
C ASP A 182 -11.12 0.67 19.90
N ILE A 183 -12.33 0.27 20.29
CA ILE A 183 -13.22 -0.38 19.34
C ILE A 183 -13.47 0.55 18.16
N LYS A 184 -13.75 1.84 18.44
CA LYS A 184 -14.07 2.78 17.39
C LYS A 184 -12.88 2.93 16.44
N SER A 185 -11.68 2.97 17.00
CA SER A 185 -10.48 3.22 16.21
C SER A 185 -10.08 2.00 15.38
N ARG A 186 -10.43 0.82 15.87
CA ARG A 186 -10.10 -0.42 15.18
C ARG A 186 -11.08 -0.68 14.04
N ALA A 187 -12.15 0.12 13.97
CA ALA A 187 -13.13 0.00 12.91
C ALA A 187 -13.15 1.24 11.99
N ALA A 188 -12.25 2.18 12.23
CA ALA A 188 -12.30 3.47 11.51
C ALA A 188 -11.60 3.35 10.15
N TYR A 189 -12.26 2.63 9.25
CA TYR A 189 -11.70 2.30 7.95
C TYR A 189 -11.39 3.59 7.20
N ASN A 190 -10.16 3.70 6.70
CA ASN A 190 -9.76 4.90 5.98
C ASN A 190 -9.54 4.68 4.46
N VAL A 191 -9.56 3.41 4.06
CA VAL A 191 -9.42 3.00 2.68
C VAL A 191 -10.16 1.68 2.45
N THR A 192 -10.53 1.43 1.20
CA THR A 192 -10.77 0.09 0.75
C THR A 192 -9.90 -0.21 -0.48
N LEU A 193 -9.34 -1.40 -0.48
CA LEU A 193 -8.60 -1.93 -1.60
C LEU A 193 -9.57 -2.86 -2.34
N LEU A 194 -10.01 -2.39 -3.51
CA LEU A 194 -10.90 -3.14 -4.38
C LEU A 194 -10.12 -4.11 -5.26
N ASN A 195 -10.71 -5.29 -5.46
CA ASN A 195 -10.15 -6.36 -6.29
C ASN A 195 -11.12 -6.79 -7.37
N PHE A 196 -10.58 -7.21 -8.50
CA PHE A 196 -11.32 -7.88 -9.53
C PHE A 196 -10.48 -8.99 -10.17
N MET A 197 -11.10 -10.12 -10.45
CA MET A 197 -10.39 -11.13 -11.23
C MET A 197 -11.34 -12.02 -12.01
N ASP A 198 -11.03 -12.20 -13.30
CA ASP A 198 -11.78 -13.10 -14.16
C ASP A 198 -10.93 -14.33 -14.33
N PRO A 199 -11.30 -15.44 -13.66
CA PRO A 199 -10.46 -16.64 -13.74
C PRO A 199 -10.39 -17.19 -15.16
N GLN A 200 -11.36 -16.87 -16.00
CA GLN A 200 -11.35 -17.33 -17.39
C GLN A 200 -10.29 -16.56 -18.17
N LYS A 201 -10.05 -15.30 -17.81
CA LYS A 201 -9.04 -14.49 -18.50
C LYS A 201 -7.71 -14.52 -17.75
N MET A 202 -7.76 -14.83 -16.47
CA MET A 202 -6.55 -14.93 -15.66
C MET A 202 -6.51 -16.34 -15.09
N PRO A 203 -6.24 -17.33 -15.95
CA PRO A 203 -6.24 -18.74 -15.52
C PRO A 203 -4.95 -19.18 -14.83
N TYR A 204 -3.94 -18.32 -14.83
CA TYR A 204 -2.60 -18.75 -14.46
C TYR A 204 -2.49 -18.70 -12.94
N LEU A 205 -3.12 -19.69 -12.29
CA LEU A 205 -3.31 -19.67 -10.84
C LEU A 205 -2.68 -20.86 -10.12
N LYS A 206 -2.10 -20.60 -8.94
CA LYS A 206 -1.38 -21.65 -8.23
C LYS A 206 -2.31 -22.53 -7.37
N GLU A 207 -1.96 -23.80 -7.24
CA GLU A 207 -2.64 -24.69 -6.29
C GLU A 207 -2.31 -24.41 -4.79
N GLU A 208 -3.34 -24.31 -3.96
CA GLU A 208 -3.15 -24.21 -2.53
C GLU A 208 -2.36 -25.44 -2.02
N PRO A 209 -1.26 -25.19 -1.31
CA PRO A 209 -0.32 -26.30 -1.12
C PRO A 209 -0.51 -27.20 0.10
N TYR A 210 -1.28 -26.80 1.11
CA TYR A 210 -1.29 -27.53 2.38
C TYR A 210 -2.55 -28.31 2.68
N PHE A 211 -3.67 -27.92 2.11
CA PHE A 211 -4.95 -28.44 2.57
C PHE A 211 -5.84 -28.93 1.44
N GLY A 212 -5.33 -28.95 0.21
CA GLY A 212 -6.15 -29.34 -0.94
C GLY A 212 -7.25 -28.34 -1.30
N MET A 213 -7.07 -27.05 -0.99
CA MET A 213 -8.12 -26.06 -1.29
C MET A 213 -8.24 -25.58 -2.77
N GLY A 214 -7.42 -26.10 -3.68
CA GLY A 214 -7.57 -25.78 -5.07
C GLY A 214 -6.94 -24.45 -5.46
N LYS A 215 -7.47 -23.84 -6.52
CA LYS A 215 -6.87 -22.65 -7.12
C LYS A 215 -6.93 -21.41 -6.25
N MET A 216 -5.80 -20.71 -6.12
CA MET A 216 -5.74 -19.49 -5.33
C MET A 216 -5.65 -18.27 -6.22
N ALA A 217 -6.51 -17.29 -5.93
CA ALA A 217 -6.40 -15.99 -6.55
C ALA A 217 -5.35 -15.17 -5.80
N VAL A 218 -5.27 -15.42 -4.49
CA VAL A 218 -4.30 -14.75 -3.62
C VAL A 218 -3.76 -15.78 -2.66
N SER A 219 -2.45 -15.90 -2.56
CA SER A 219 -1.83 -16.91 -1.73
CA SER A 219 -1.84 -16.92 -1.71
C SER A 219 -1.93 -16.58 -0.23
N TRP A 220 -1.53 -17.53 0.60
CA TRP A 220 -1.55 -17.39 2.07
C TRP A 220 -0.77 -16.16 2.51
N HIS A 221 -1.37 -15.31 3.34
CA HIS A 221 -0.66 -14.10 3.77
C HIS A 221 -1.27 -13.56 5.05
N HIS A 222 -0.56 -12.63 5.68
CA HIS A 222 -1.12 -11.71 6.68
C HIS A 222 -1.22 -10.37 5.97
N ASP A 223 -2.24 -9.60 6.26
CA ASP A 223 -2.32 -8.27 5.72
C ASP A 223 -1.27 -7.36 6.33
N GLU A 224 -0.66 -6.55 5.47
CA GLU A 224 0.34 -5.57 5.87
C GLU A 224 -0.26 -4.18 6.12
N ASN A 225 0.54 -3.35 6.79
CA ASN A 225 0.30 -1.91 6.98
C ASN A 225 -1.08 -1.60 7.56
N LEU A 226 -1.54 -2.46 8.46
CA LEU A 226 -2.78 -2.22 9.21
C LEU A 226 -2.48 -1.72 10.61
N VAL A 227 -3.36 -0.88 11.14
CA VAL A 227 -3.27 -0.50 12.54
C VAL A 227 -3.36 -1.76 13.41
N ASP A 228 -2.54 -1.83 14.45
CA ASP A 228 -2.55 -3.01 15.35
C ASP A 228 -3.98 -3.37 15.81
N ARG A 229 -4.34 -4.64 15.65
CA ARG A 229 -5.64 -5.14 16.08
C ARG A 229 -6.83 -4.50 15.40
N SER A 230 -6.58 -3.80 14.28
CA SER A 230 -7.66 -3.22 13.50
C SER A 230 -8.35 -4.32 12.67
N ALA A 231 -9.67 -4.17 12.53
CA ALA A 231 -10.48 -5.10 11.80
C ALA A 231 -10.36 -4.87 10.31
N VAL A 232 -10.73 -5.89 9.54
CA VAL A 232 -10.86 -5.75 8.11
C VAL A 232 -12.26 -6.21 7.72
N ALA A 233 -12.98 -5.42 6.93
CA ALA A 233 -14.30 -5.84 6.43
C ALA A 233 -14.26 -6.03 4.91
N VAL A 234 -14.83 -7.14 4.42
CA VAL A 234 -14.81 -7.46 3.02
C VAL A 234 -16.20 -7.73 2.48
N TYR A 235 -16.59 -6.98 1.46
CA TYR A 235 -17.80 -7.23 0.69
C TYR A 235 -17.39 -8.01 -0.55
N SER A 236 -17.99 -9.18 -0.75
CA SER A 236 -17.56 -10.07 -1.84
C SER A 236 -18.70 -10.22 -2.86
N TYR A 237 -18.36 -10.06 -4.13
CA TYR A 237 -19.34 -9.97 -5.20
C TYR A 237 -18.90 -10.90 -6.33
N SER A 238 -19.39 -12.13 -6.31
CA SER A 238 -19.15 -13.04 -7.42
C SER A 238 -20.21 -12.80 -8.47
N CYS A 239 -19.78 -12.58 -9.70
CA CYS A 239 -20.72 -12.50 -10.80
C CYS A 239 -21.30 -13.90 -11.00
N GLU A 240 -22.61 -14.01 -10.88
CA GLU A 240 -23.32 -15.30 -10.94
C GLU A 240 -22.66 -16.40 -10.10
N LEU A 252 -19.31 -33.53 -3.31
CA LEU A 252 -17.91 -33.77 -3.67
C LEU A 252 -16.99 -33.69 -2.46
N GLU A 253 -15.73 -34.02 -2.67
CA GLU A 253 -14.75 -33.98 -1.60
C GLU A 253 -14.15 -32.58 -1.48
N GLY A 254 -14.49 -31.86 -0.41
CA GLY A 254 -13.92 -30.54 -0.19
C GLY A 254 -14.65 -29.41 -0.88
N ARG A 255 -13.99 -28.28 -1.02
CA ARG A 255 -14.68 -27.06 -1.38
C ARG A 255 -15.04 -27.10 -2.87
N ASP A 256 -16.18 -26.51 -3.19
CA ASP A 256 -16.67 -26.46 -4.56
C ASP A 256 -15.73 -25.58 -5.39
N PRO A 257 -15.13 -26.15 -6.44
CA PRO A 257 -14.15 -25.38 -7.22
C PRO A 257 -14.77 -24.22 -7.99
N ASP A 258 -16.05 -24.28 -8.31
CA ASP A 258 -16.69 -23.22 -9.08
C ASP A 258 -17.03 -21.99 -8.24
N ILE A 259 -16.88 -22.11 -6.94
CA ILE A 259 -17.29 -21.06 -6.02
C ILE A 259 -16.15 -20.39 -5.32
N TRP A 260 -16.19 -19.07 -5.24
CA TRP A 260 -15.15 -18.34 -4.52
C TRP A 260 -15.22 -18.55 -3.00
N HIS A 261 -14.05 -18.65 -2.37
CA HIS A 261 -13.96 -18.77 -0.92
C HIS A 261 -12.86 -17.89 -0.40
N VAL A 262 -12.92 -17.63 0.89
CA VAL A 262 -11.76 -17.14 1.61
C VAL A 262 -11.28 -18.30 2.48
N GLY A 263 -9.99 -18.57 2.47
CA GLY A 263 -9.43 -19.63 3.30
C GLY A 263 -8.70 -19.05 4.49
N PHE A 264 -8.75 -19.77 5.62
CA PHE A 264 -8.02 -19.38 6.81
C PHE A 264 -7.25 -20.58 7.34
N LYS A 265 -6.09 -20.27 7.92
CA LYS A 265 -5.29 -21.26 8.65
C LYS A 265 -4.65 -20.56 9.85
N ILE A 266 -4.23 -21.34 10.86
CA ILE A 266 -3.45 -20.79 11.96
C ILE A 266 -2.00 -20.58 11.48
N SER A 267 -1.37 -19.48 11.86
CA SER A 267 0.05 -19.25 11.55
C SER A 267 0.89 -20.42 11.99
N TRP A 268 1.85 -20.78 11.13
CA TRP A 268 2.86 -21.82 11.39
C TRP A 268 2.29 -23.22 11.36
N ASP A 269 1.00 -23.36 11.13
CA ASP A 269 0.28 -24.58 11.46
C ASP A 269 -0.41 -25.11 10.21
N ILE A 270 0.02 -26.26 9.73
CA ILE A 270 -0.72 -26.95 8.67
C ILE A 270 -1.33 -28.26 9.18
N GLU A 271 -1.37 -28.45 10.49
CA GLU A 271 -1.99 -29.65 11.06
C GLU A 271 -3.46 -29.45 11.40
N THR A 272 -3.76 -28.34 12.06
CA THR A 272 -5.14 -27.92 12.26
C THR A 272 -5.78 -27.66 10.89
N PRO A 273 -6.86 -28.38 10.58
CA PRO A 273 -7.45 -28.18 9.25
C PRO A 273 -7.82 -26.72 9.00
N GLY A 274 -7.59 -26.24 7.79
CA GLY A 274 -7.98 -24.90 7.40
C GLY A 274 -9.48 -24.80 7.14
N LEU A 275 -10.01 -23.59 7.19
CA LEU A 275 -11.40 -23.35 6.86
C LEU A 275 -11.48 -22.70 5.50
N ALA A 276 -12.42 -23.16 4.69
CA ALA A 276 -12.76 -22.53 3.43
C ALA A 276 -14.20 -22.03 3.54
N ILE A 277 -14.39 -20.73 3.47
CA ILE A 277 -15.69 -20.11 3.65
C ILE A 277 -16.22 -19.75 2.28
N PRO A 278 -17.32 -20.40 1.84
CA PRO A 278 -17.97 -20.03 0.58
C PRO A 278 -18.46 -18.58 0.59
N LEU A 279 -18.21 -17.88 -0.51
CA LEU A 279 -18.62 -16.50 -0.68
C LEU A 279 -19.52 -16.40 -1.89
N HIS A 280 -20.80 -16.14 -1.64
CA HIS A 280 -21.74 -15.97 -2.70
C HIS A 280 -21.92 -14.50 -2.88
N GLN A 281 -22.70 -14.14 -3.87
CA GLN A 281 -22.90 -12.76 -4.25
C GLN A 281 -23.37 -11.88 -3.11
N GLY A 282 -22.52 -10.96 -2.69
CA GLY A 282 -22.87 -9.98 -1.68
C GLY A 282 -22.61 -10.42 -0.24
N ASP A 283 -21.99 -11.58 -0.04
CA ASP A 283 -21.60 -12.00 1.30
C ASP A 283 -20.49 -11.09 1.80
N CYS A 284 -20.51 -10.82 3.11
CA CYS A 284 -19.48 -10.06 3.78
C CYS A 284 -18.80 -10.90 4.86
N TYR A 285 -17.50 -10.70 5.04
CA TYR A 285 -16.80 -11.33 6.15
C TYR A 285 -15.90 -10.32 6.84
N PHE A 286 -15.58 -10.59 8.10
CA PHE A 286 -14.89 -9.61 8.95
C PHE A 286 -13.77 -10.32 9.68
N MET A 287 -12.58 -9.76 9.62
CA MET A 287 -11.49 -10.24 10.46
CA MET A 287 -11.49 -10.25 10.45
C MET A 287 -11.36 -9.29 11.63
N LEU A 288 -11.58 -9.79 12.83
CA LEU A 288 -11.59 -8.95 14.01
C LEU A 288 -10.35 -9.08 14.85
N ASP A 289 -9.99 -7.97 15.51
CA ASP A 289 -8.98 -7.97 16.55
C ASP A 289 -7.68 -8.54 16.00
N ASP A 290 -7.13 -9.55 16.67
CA ASP A 290 -5.83 -10.08 16.28
C ASP A 290 -5.85 -11.22 15.27
N LEU A 291 -7.03 -11.51 14.68
CA LEU A 291 -7.15 -12.60 13.70
C LEU A 291 -6.09 -12.49 12.60
N ASN A 292 -5.83 -11.27 12.14
CA ASN A 292 -4.88 -11.08 11.04
C ASN A 292 -3.48 -11.43 11.45
N ALA A 293 -3.23 -11.38 12.75
CA ALA A 293 -1.90 -11.70 13.26
C ALA A 293 -1.77 -13.18 13.58
N THR A 294 -2.79 -13.78 14.16
CA THR A 294 -2.67 -15.14 14.65
C THR A 294 -2.92 -16.16 13.53
N HIS A 295 -3.59 -15.70 12.47
CA HIS A 295 -3.96 -16.55 11.35
C HIS A 295 -3.44 -15.97 10.05
N GLN A 296 -3.38 -16.83 9.04
CA GLN A 296 -3.20 -16.41 7.66
C GLN A 296 -4.47 -16.65 6.85
N HIS A 297 -4.60 -15.92 5.75
CA HIS A 297 -5.71 -16.18 4.87
C HIS A 297 -5.27 -16.19 3.42
N CYS A 298 -6.12 -16.75 2.59
CA CYS A 298 -5.94 -16.72 1.15
C CYS A 298 -7.30 -16.55 0.50
N VAL A 299 -7.28 -16.36 -0.80
CA VAL A 299 -8.51 -16.23 -1.58
C VAL A 299 -8.52 -17.34 -2.62
N LEU A 300 -9.52 -18.20 -2.53
CA LEU A 300 -9.70 -19.31 -3.44
C LEU A 300 -10.64 -18.97 -4.60
N ALA A 301 -10.13 -19.11 -5.81
CA ALA A 301 -10.90 -18.73 -6.99
C ALA A 301 -12.02 -19.73 -7.30
N GLY A 302 -13.16 -19.19 -7.77
CA GLY A 302 -14.22 -19.99 -8.35
C GLY A 302 -14.08 -19.87 -9.84
N SER A 303 -15.13 -20.17 -10.59
CA SER A 303 -15.02 -20.18 -12.04
C SER A 303 -15.42 -18.85 -12.68
N GLN A 304 -16.18 -18.04 -11.96
CA GLN A 304 -16.74 -16.80 -12.52
C GLN A 304 -15.93 -15.61 -12.06
N PRO A 305 -15.98 -14.49 -12.81
CA PRO A 305 -15.33 -13.25 -12.38
C PRO A 305 -15.85 -12.82 -11.02
N ARG A 306 -15.01 -12.18 -10.19
CA ARG A 306 -15.46 -11.75 -8.87
C ARG A 306 -14.74 -10.46 -8.45
N PHE A 307 -15.50 -9.54 -7.87
CA PHE A 307 -14.94 -8.34 -7.25
C PHE A 307 -14.95 -8.53 -5.73
N SER A 308 -14.13 -7.75 -5.02
CA SER A 308 -14.34 -7.55 -3.58
C SER A 308 -13.93 -6.14 -3.18
N SER A 309 -14.46 -5.67 -2.05
CA SER A 309 -14.07 -4.40 -1.46
C SER A 309 -13.51 -4.75 -0.09
N THR A 310 -12.24 -4.44 0.15
CA THR A 310 -11.58 -4.81 1.40
C THR A 310 -11.25 -3.55 2.22
N HIS A 311 -12.16 -3.20 3.11
CA HIS A 311 -12.05 -2.03 3.95
C HIS A 311 -11.12 -2.24 5.14
N ARG A 312 -10.22 -1.27 5.31
CA ARG A 312 -9.06 -1.39 6.18
C ARG A 312 -8.77 -0.10 6.90
N VAL A 313 -8.10 -0.23 8.06
CA VAL A 313 -7.53 0.92 8.73
C VAL A 313 -6.03 0.92 8.45
N ALA A 314 -5.63 1.59 7.39
CA ALA A 314 -4.23 1.69 7.00
C ALA A 314 -3.47 2.39 8.12
N GLU A 315 -2.28 1.88 8.47
CA GLU A 315 -1.44 2.53 9.46
C GLU A 315 -0.65 3.62 8.71
N CYS A 316 -1.30 4.77 8.55
CA CYS A 316 -0.79 5.80 7.67
C CYS A 316 -0.05 6.94 8.39
N SER A 317 0.55 6.63 9.54
CA SER A 317 1.30 7.61 10.32
C SER A 317 2.46 8.25 9.53
N THR A 318 3.04 7.51 8.59
CA THR A 318 4.07 8.09 7.71
C THR A 318 3.63 7.92 6.27
N GLY A 319 2.32 8.02 6.05
CA GLY A 319 1.71 7.57 4.83
C GLY A 319 0.62 8.45 4.31
N THR A 320 0.64 9.74 4.67
CA THR A 320 -0.32 10.68 4.13
C THR A 320 0.44 11.85 3.48
N LEU A 321 -0.25 12.52 2.57
CA LEU A 321 0.33 13.70 1.92
C LEU A 321 0.66 14.76 2.95
N ASP A 322 -0.22 14.99 3.91
CA ASP A 322 0.04 16.02 4.92
C ASP A 322 1.31 15.69 5.71
N TYR A 323 1.52 14.42 6.03
CA TYR A 323 2.68 14.01 6.80
C TYR A 323 3.97 14.26 6.03
N ILE A 324 3.98 13.92 4.75
CA ILE A 324 5.21 14.05 3.95
C ILE A 324 5.50 15.52 3.58
N LEU A 325 4.47 16.32 3.35
CA LEU A 325 4.64 17.77 3.19
C LEU A 325 5.26 18.37 4.44
N GLN A 326 4.80 17.92 5.61
CA GLN A 326 5.35 18.40 6.86
C GLN A 326 6.84 18.01 6.99
N ARG A 327 7.18 16.78 6.63
CA ARG A 327 8.58 16.36 6.63
C ARG A 327 9.42 17.26 5.71
N CYS A 328 8.92 17.55 4.51
CA CYS A 328 9.69 18.36 3.55
C CYS A 328 9.92 19.75 4.12
N GLN A 329 8.89 20.30 4.76
CA GLN A 329 8.96 21.63 5.32
C GLN A 329 9.99 21.64 6.46
N LEU A 330 10.03 20.57 7.25
CA LEU A 330 11.03 20.43 8.32
C LEU A 330 12.44 20.45 7.73
N ALA A 331 12.65 19.70 6.66
CA ALA A 331 13.96 19.65 5.99
C ALA A 331 14.37 21.02 5.50
N LEU A 332 13.43 21.73 4.87
CA LEU A 332 13.74 23.01 4.28
C LEU A 332 13.85 24.16 5.29
N GLN A 333 13.58 23.89 6.57
CA GLN A 333 13.87 24.85 7.63
C GLN A 333 15.36 25.18 7.68
N ASN A 334 16.20 24.30 7.14
CA ASN A 334 17.65 24.51 7.14
C ASN A 334 18.15 25.29 5.93
N VAL A 335 17.24 25.76 5.07
CA VAL A 335 17.59 26.53 3.88
C VAL A 335 17.19 27.99 4.02
N CYS A 336 18.09 28.91 3.65
CA CYS A 336 17.74 30.32 3.56
C CYS A 336 16.68 30.46 2.47
N ASP A 337 15.49 30.92 2.85
CA ASP A 337 14.33 30.79 1.97
C ASP A 337 13.71 32.12 1.48
N ASP A 338 14.51 33.18 1.37
CA ASP A 338 14.00 34.44 0.83
C ASP A 338 13.41 34.28 -0.58
N VAL A 339 14.13 33.54 -1.42
CA VAL A 339 13.85 33.44 -2.84
C VAL A 339 14.10 32.00 -3.30
N ASP A 340 13.31 31.56 -4.27
CA ASP A 340 13.50 30.24 -4.89
C ASP A 340 14.45 30.34 -6.08
N ASN A 341 15.75 30.16 -5.83
CA ASN A 341 16.71 29.99 -6.91
C ASN A 341 17.69 28.85 -6.61
N ASP A 342 18.76 28.73 -7.40
CA ASP A 342 19.67 27.60 -7.26
C ASP A 342 20.88 27.93 -6.35
N ASP A 343 20.88 29.13 -5.79
CA ASP A 343 21.90 29.52 -4.82
C ASP A 343 21.43 29.10 -3.43
N VAL A 344 21.46 27.79 -3.17
CA VAL A 344 20.99 27.20 -1.92
C VAL A 344 22.04 27.40 -0.83
N SER A 345 21.65 28.05 0.25
CA SER A 345 22.56 28.20 1.38
C SER A 345 21.90 27.73 2.66
N LEU A 346 22.68 27.02 3.47
CA LEU A 346 22.15 26.34 4.64
C LEU A 346 22.45 27.12 5.89
N LYS A 347 21.51 27.03 6.84
CA LYS A 347 21.58 27.73 8.11
C LYS A 347 22.51 27.04 9.11
N SER A 348 22.62 25.72 8.96
CA SER A 348 23.41 24.96 9.90
C SER A 348 24.04 23.75 9.24
N PHE A 349 25.27 23.44 9.67
CA PHE A 349 25.91 22.18 9.32
C PHE A 349 26.11 21.28 10.54
N GLU A 350 25.30 21.49 11.57
CA GLU A 350 25.31 20.58 12.69
C GLU A 350 24.95 19.17 12.18
N PRO A 351 25.75 18.15 12.57
CA PRO A 351 25.50 16.82 12.03
C PRO A 351 24.06 16.34 12.16
N ALA A 352 23.41 16.53 13.31
CA ALA A 352 22.05 16.00 13.48
C ALA A 352 21.08 16.59 12.43
N VAL A 353 21.27 17.86 12.15
CA VAL A 353 20.40 18.58 11.22
C VAL A 353 20.60 18.09 9.79
N LEU A 354 21.85 17.90 9.42
CA LEU A 354 22.17 17.44 8.08
C LEU A 354 21.67 16.03 7.82
N LYS A 355 21.85 15.15 8.81
CA LYS A 355 21.45 13.76 8.72
C LYS A 355 19.96 13.73 8.49
N GLN A 356 19.23 14.50 9.29
CA GLN A 356 17.79 14.62 9.16
C GLN A 356 17.37 15.07 7.76
N GLY A 357 18.02 16.11 7.22
CA GLY A 357 17.67 16.63 5.91
C GLY A 357 17.86 15.59 4.80
N GLU A 358 18.96 14.84 4.86
CA GLU A 358 19.22 13.82 3.86
C GLU A 358 18.27 12.62 4.00
N GLU A 359 17.85 12.30 5.22
CA GLU A 359 16.91 11.23 5.45
C GLU A 359 15.53 11.58 4.86
N ILE A 360 15.10 12.82 5.08
CA ILE A 360 13.84 13.32 4.52
C ILE A 360 13.91 13.33 2.99
N HIS A 361 15.07 13.74 2.45
CA HIS A 361 15.35 13.72 1.01
C HIS A 361 15.09 12.30 0.45
N ASN A 362 15.66 11.29 1.09
CA ASN A 362 15.40 9.90 0.69
C ASN A 362 13.94 9.55 0.78
N GLU A 363 13.29 9.97 1.87
CA GLU A 363 11.93 9.54 2.14
C GLU A 363 10.98 10.06 1.03
N VAL A 364 11.09 11.32 0.67
CA VAL A 364 10.22 11.89 -0.34
C VAL A 364 10.60 11.30 -1.70
N GLU A 365 11.88 11.04 -1.92
CA GLU A 365 12.29 10.48 -3.20
C GLU A 365 11.74 9.08 -3.43
N PHE A 366 11.87 8.19 -2.45
CA PHE A 366 11.67 6.77 -2.68
C PHE A 366 10.29 6.30 -2.21
N GLU A 367 9.82 6.81 -1.09
CA GLU A 367 8.52 6.37 -0.59
C GLU A 367 7.39 7.09 -1.32
N TRP A 368 7.68 8.24 -1.94
CA TRP A 368 6.63 9.05 -2.59
C TRP A 368 6.81 9.17 -4.11
N LEU A 369 7.86 9.86 -4.54
CA LEU A 369 8.02 10.10 -5.96
C LEU A 369 8.22 8.82 -6.75
N ARG A 370 9.18 7.97 -6.36
CA ARG A 370 9.49 6.81 -7.22
C ARG A 370 8.35 5.81 -7.18
N GLN A 371 7.69 5.70 -6.02
CA GLN A 371 6.52 4.84 -5.87
C GLN A 371 5.42 5.29 -6.81
N PHE A 372 5.15 6.59 -6.81
CA PHE A 372 4.06 7.14 -7.60
C PHE A 372 4.28 6.91 -9.09
N TRP A 373 5.45 7.31 -9.58
CA TRP A 373 5.72 7.24 -11.00
C TRP A 373 6.01 5.82 -11.48
N PHE A 374 6.39 4.92 -10.58
CA PHE A 374 6.57 3.52 -10.95
C PHE A 374 5.27 2.98 -11.46
N GLN A 375 4.17 3.52 -10.94
CA GLN A 375 2.87 3.01 -11.30
C GLN A 375 2.32 3.67 -12.58
N GLY A 376 3.13 4.51 -13.22
CA GLY A 376 2.80 5.06 -14.54
C GLY A 376 1.63 6.02 -14.58
N ASN A 377 1.33 6.63 -13.43
CA ASN A 377 0.21 7.57 -13.31
C ASN A 377 -1.11 6.94 -13.79
N ARG A 378 -1.45 5.77 -13.25
CA ARG A 378 -2.71 5.12 -13.64
C ARG A 378 -3.86 5.87 -13.02
N TYR A 379 -3.65 6.28 -11.77
CA TYR A 379 -4.58 7.16 -11.05
C TYR A 379 -5.19 8.22 -11.96
N ARG A 380 -4.35 8.86 -12.77
CA ARG A 380 -4.76 9.98 -13.62
C ARG A 380 -5.99 9.62 -14.45
N LYS A 381 -6.16 8.34 -14.75
CA LYS A 381 -7.34 7.84 -15.44
C LYS A 381 -8.60 8.07 -14.61
N CYS A 382 -8.47 7.93 -13.29
CA CYS A 382 -9.61 8.03 -12.39
C CYS A 382 -9.71 9.40 -11.71
N THR A 383 -8.58 10.07 -11.53
CA THR A 383 -8.55 11.29 -10.75
C THR A 383 -7.30 12.09 -11.03
N ASP A 384 -7.42 13.41 -11.02
CA ASP A 384 -6.23 14.26 -11.09
C ASP A 384 -5.76 14.67 -9.70
N TRP A 385 -6.25 13.97 -8.66
CA TRP A 385 -6.05 14.45 -7.30
C TRP A 385 -4.58 14.58 -6.90
N TRP A 386 -3.76 13.59 -7.28
CA TRP A 386 -2.36 13.60 -6.89
C TRP A 386 -1.47 14.40 -7.84
N CYS A 387 -2.02 15.04 -8.86
CA CYS A 387 -1.19 15.73 -9.84
CA CYS A 387 -1.20 15.74 -9.84
C CYS A 387 -0.44 16.93 -9.23
N GLN A 388 -1.18 17.85 -8.63
CA GLN A 388 -0.51 19.00 -8.03
C GLN A 388 0.37 18.54 -6.88
N PRO A 389 -0.14 17.66 -6.00
CA PRO A 389 0.70 17.18 -4.90
C PRO A 389 2.04 16.60 -5.33
N MET A 390 2.07 15.78 -6.38
CA MET A 390 3.31 15.18 -6.85
C MET A 390 4.22 16.19 -7.53
N ALA A 391 3.66 17.20 -8.21
CA ALA A 391 4.48 18.29 -8.72
C ALA A 391 5.17 19.06 -7.57
N GLN A 392 4.42 19.30 -6.50
CA GLN A 392 4.93 20.05 -5.35
C GLN A 392 5.98 19.19 -4.64
N LEU A 393 5.75 17.87 -4.57
CA LEU A 393 6.66 17.00 -3.86
C LEU A 393 7.95 16.95 -4.68
N GLU A 394 7.83 17.03 -6.00
CA GLU A 394 9.03 16.98 -6.84
C GLU A 394 9.86 18.26 -6.77
N ALA A 395 9.20 19.41 -6.67
CA ALA A 395 9.89 20.68 -6.51
C ALA A 395 10.58 20.74 -5.15
N LEU A 396 9.93 20.20 -4.12
CA LEU A 396 10.51 20.16 -2.78
C LEU A 396 11.77 19.30 -2.81
N TRP A 397 11.67 18.14 -3.46
CA TRP A 397 12.78 17.22 -3.63
C TRP A 397 13.92 17.86 -4.39
N LYS A 398 13.60 18.64 -5.42
CA LYS A 398 14.60 19.24 -6.27
C LYS A 398 15.42 20.25 -5.47
N LYS A 399 14.72 20.99 -4.60
CA LYS A 399 15.40 21.94 -3.70
C LYS A 399 16.34 21.12 -2.78
N MET A 400 15.87 19.97 -2.33
CA MET A 400 16.71 19.06 -1.54
C MET A 400 17.95 18.54 -2.28
N GLU A 401 17.86 18.35 -3.61
CA GLU A 401 19.07 18.08 -4.39
C GLU A 401 20.02 19.26 -4.25
N GLY A 402 19.47 20.46 -4.31
CA GLY A 402 20.23 21.66 -3.98
C GLY A 402 20.92 21.62 -2.62
N VAL A 403 20.20 21.14 -1.61
CA VAL A 403 20.72 21.03 -0.26
C VAL A 403 21.91 20.07 -0.22
N THR A 404 21.77 18.91 -0.85
CA THR A 404 22.83 17.93 -0.82
C THR A 404 24.07 18.54 -1.47
N ASN A 405 23.89 19.23 -2.60
CA ASN A 405 25.00 19.88 -3.25
C ASN A 405 25.67 20.91 -2.33
N ALA A 406 24.87 21.65 -1.57
CA ALA A 406 25.43 22.64 -0.65
C ALA A 406 26.24 21.96 0.46
N VAL A 407 25.79 20.81 0.94
CA VAL A 407 26.57 20.10 1.96
C VAL A 407 27.88 19.61 1.36
N LEU A 408 27.83 19.12 0.11
CA LEU A 408 29.04 18.60 -0.55
C LEU A 408 30.03 19.71 -0.78
N HIS A 409 29.52 20.91 -1.02
CA HIS A 409 30.36 22.06 -1.27
CA HIS A 409 30.36 22.07 -1.26
C HIS A 409 31.04 22.49 0.04
N GLU A 410 30.29 22.50 1.13
CA GLU A 410 30.85 22.83 2.44
C GLU A 410 31.97 21.83 2.81
N VAL A 411 31.72 20.56 2.54
CA VAL A 411 32.68 19.51 2.89
C VAL A 411 34.04 19.76 2.23
N LYS A 412 34.01 20.36 1.04
CA LYS A 412 35.24 20.67 0.28
C LYS A 412 35.88 22.01 0.63
N ARG A 413 35.17 22.83 1.41
CA ARG A 413 35.61 24.20 1.69
C ARG A 413 36.99 24.26 2.35
N GLU A 414 37.91 24.96 1.68
CA GLU A 414 39.29 25.09 2.13
C GLU A 414 39.47 25.16 3.64
N GLY A 415 38.81 26.14 4.28
CA GLY A 415 39.04 26.41 5.69
C GLY A 415 38.32 25.55 6.73
N LEU A 416 37.62 24.50 6.29
CA LEU A 416 36.88 23.65 7.23
C LEU A 416 37.84 22.76 7.99
N PRO A 417 37.88 22.87 9.32
CA PRO A 417 38.76 21.93 10.04
C PRO A 417 38.33 20.47 9.81
N VAL A 418 39.32 19.59 9.62
CA VAL A 418 39.02 18.22 9.23
C VAL A 418 38.11 17.49 10.21
N GLU A 419 38.22 17.77 11.50
CA GLU A 419 37.37 17.11 12.50
C GLU A 419 35.87 17.40 12.24
N GLN A 420 35.57 18.64 11.93
CA GLN A 420 34.21 19.04 11.59
C GLN A 420 33.74 18.41 10.28
N ARG A 421 34.60 18.44 9.26
CA ARG A 421 34.33 17.77 8.01
C ARG A 421 33.94 16.32 8.25
N ASN A 422 34.73 15.60 9.03
CA ASN A 422 34.53 14.18 9.21
C ASN A 422 33.23 13.96 9.98
N GLU A 423 32.90 14.88 10.87
CA GLU A 423 31.62 14.78 11.56
C GLU A 423 30.43 14.87 10.57
N ILE A 424 30.52 15.81 9.64
CA ILE A 424 29.51 15.94 8.57
C ILE A 424 29.43 14.65 7.74
N LEU A 425 30.58 14.12 7.35
CA LEU A 425 30.62 12.94 6.49
C LEU A 425 29.94 11.76 7.20
N THR A 426 30.21 11.61 8.50
CA THR A 426 29.64 10.50 9.26
C THR A 426 28.13 10.70 9.39
N ALA A 427 27.69 11.95 9.50
CA ALA A 427 26.27 12.29 9.56
C ALA A 427 25.48 11.91 8.29
N ILE A 428 26.10 12.15 7.12
CA ILE A 428 25.38 11.95 5.85
C ILE A 428 25.68 10.68 5.05
N LEU A 429 26.75 9.96 5.37
CA LEU A 429 27.18 8.87 4.50
C LEU A 429 26.12 7.78 4.40
N ALA A 430 25.53 7.39 5.53
CA ALA A 430 24.51 6.35 5.52
C ALA A 430 23.37 6.70 4.57
N SER A 431 22.93 7.96 4.62
CA SER A 431 21.82 8.41 3.76
C SER A 431 22.20 8.38 2.29
N LEU A 432 23.40 8.84 1.96
CA LEU A 432 23.83 8.87 0.56
C LEU A 432 24.04 7.45 0.01
N THR A 433 24.44 6.55 0.89
CA THR A 433 24.70 5.16 0.52
C THR A 433 23.38 4.51 0.18
N ALA A 434 22.39 4.74 1.04
CA ALA A 434 21.03 4.25 0.82
C ALA A 434 20.44 4.87 -0.44
N ARG A 435 20.73 6.15 -0.70
CA ARG A 435 20.18 6.84 -1.85
C ARG A 435 20.69 6.17 -3.12
N GLN A 436 21.99 5.86 -3.15
CA GLN A 436 22.60 5.20 -4.31
C GLN A 436 22.03 3.80 -4.52
N ASN A 437 21.97 3.03 -3.44
CA ASN A 437 21.50 1.65 -3.53
C ASN A 437 20.04 1.60 -3.96
N LEU A 438 19.25 2.54 -3.48
CA LEU A 438 17.82 2.52 -3.74
C LEU A 438 17.57 3.01 -5.15
N ARG A 439 18.41 3.92 -5.63
CA ARG A 439 18.30 4.38 -7.02
C ARG A 439 18.63 3.23 -7.98
N ARG A 440 19.65 2.44 -7.67
CA ARG A 440 19.94 1.27 -8.50
C ARG A 440 18.72 0.33 -8.53
N GLU A 441 18.21 -0.01 -7.34
CA GLU A 441 17.04 -0.91 -7.23
C GLU A 441 15.82 -0.41 -8.04
N TRP A 442 15.48 0.86 -7.89
CA TRP A 442 14.29 1.42 -8.53
C TRP A 442 14.45 1.51 -10.05
N HIS A 443 15.63 1.87 -10.50
CA HIS A 443 15.92 1.95 -11.93
C HIS A 443 15.75 0.58 -12.59
N ALA A 444 16.33 -0.45 -11.97
CA ALA A 444 16.13 -1.82 -12.46
C ALA A 444 14.67 -2.26 -12.38
N ARG A 445 13.98 -1.88 -11.31
CA ARG A 445 12.59 -2.33 -11.10
C ARG A 445 11.75 -1.71 -12.23
N CYS A 446 12.16 -0.53 -12.67
CA CYS A 446 11.49 0.17 -13.77
C CYS A 446 11.81 -0.48 -15.09
N GLN A 447 13.04 -0.96 -15.25
CA GLN A 447 13.46 -1.61 -16.48
C GLN A 447 13.26 -3.13 -16.57
N SER A 448 12.71 -3.77 -15.53
CA SER A 448 12.58 -5.23 -15.55
C SER A 448 11.77 -5.72 -16.75
N ARG A 449 11.91 -7.01 -17.08
CA ARG A 449 11.23 -7.58 -18.25
C ARG A 449 9.72 -7.47 -18.10
N ILE A 450 9.20 -7.85 -16.94
CA ILE A 450 7.76 -7.84 -16.72
C ILE A 450 7.24 -6.39 -16.83
N ALA A 451 8.01 -5.43 -16.31
CA ALA A 451 7.63 -4.01 -16.42
C ALA A 451 7.47 -3.56 -17.87
N ARG A 452 8.38 -3.98 -18.74
CA ARG A 452 8.44 -3.47 -20.11
C ARG A 452 7.29 -3.97 -20.97
N THR A 453 6.55 -4.96 -20.45
CA THR A 453 5.47 -5.56 -21.23
C THR A 453 4.14 -4.87 -20.94
N LEU A 454 4.09 -4.09 -19.86
CA LEU A 454 2.86 -3.39 -19.48
C LEU A 454 2.40 -2.43 -20.57
N PRO A 455 1.08 -2.24 -20.70
CA PRO A 455 0.56 -1.30 -21.71
C PRO A 455 1.14 0.10 -21.51
N ALA A 456 1.05 0.94 -22.54
CA ALA A 456 1.64 2.28 -22.50
C ALA A 456 1.04 3.16 -21.39
N ASP A 457 -0.25 2.99 -21.10
CA ASP A 457 -0.89 3.78 -20.03
C ASP A 457 -0.51 3.32 -18.61
N GLN A 458 0.23 2.22 -18.50
CA GLN A 458 0.63 1.68 -17.19
C GLN A 458 2.14 1.50 -17.07
N LYS A 459 2.89 1.87 -18.10
CA LYS A 459 4.33 1.67 -18.11
C LYS A 459 5.00 2.42 -16.95
N PRO A 460 5.80 1.70 -16.14
CA PRO A 460 6.58 2.37 -15.09
C PRO A 460 7.39 3.51 -15.68
N GLU A 461 7.51 4.59 -14.93
CA GLU A 461 8.32 5.71 -15.32
C GLU A 461 9.38 5.87 -14.25
N CYS A 462 10.65 5.81 -14.64
CA CYS A 462 11.72 6.04 -13.69
C CYS A 462 11.84 7.54 -13.56
N ARG A 463 11.28 8.08 -12.48
CA ARG A 463 11.22 9.51 -12.30
C ARG A 463 11.30 9.82 -10.81
N PRO A 464 12.10 10.83 -10.45
CA PRO A 464 12.93 11.66 -11.34
C PRO A 464 14.17 10.93 -11.89
N TYR A 465 14.52 11.25 -13.13
CA TYR A 465 15.70 10.69 -13.79
C TYR A 465 16.27 11.73 -14.73
N TRP A 466 17.59 11.77 -14.84
CA TRP A 466 18.25 12.74 -15.69
C TRP A 466 19.64 12.22 -16.07
N GLU A 467 20.14 12.71 -17.19
CA GLU A 467 21.45 12.31 -17.69
C GLU A 467 22.53 13.23 -17.11
N LYS A 468 23.77 12.76 -17.07
CA LYS A 468 24.88 13.57 -16.55
C LYS A 468 25.04 14.87 -17.32
N ASP A 469 24.47 14.94 -18.51
CA ASP A 469 24.60 16.11 -19.37
C ASP A 469 23.52 17.15 -19.07
N ASP A 470 22.76 16.94 -18.00
CA ASP A 470 21.63 17.81 -17.70
C ASP A 470 22.02 18.90 -16.70
N ALA A 471 22.18 20.11 -17.21
CA ALA A 471 22.69 21.24 -16.44
C ALA A 471 21.64 21.82 -15.49
N SER A 472 20.40 21.36 -15.57
CA SER A 472 19.37 21.81 -14.65
C SER A 472 19.49 21.12 -13.28
N MET A 473 20.30 20.07 -13.19
CA MET A 473 20.44 19.32 -11.95
C MET A 473 21.86 19.48 -11.42
N PRO A 474 21.98 19.88 -10.15
CA PRO A 474 23.29 20.16 -9.55
C PRO A 474 24.14 18.90 -9.35
N LEU A 475 23.49 17.75 -9.16
CA LEU A 475 24.21 16.51 -8.89
C LEU A 475 23.81 15.43 -9.89
N PRO A 476 24.71 14.47 -10.13
CA PRO A 476 24.37 13.34 -11.00
C PRO A 476 23.38 12.39 -10.34
N PHE A 477 22.63 11.70 -11.17
CA PHE A 477 21.74 10.66 -10.70
C PHE A 477 22.55 9.53 -10.04
N ASP A 478 23.67 9.17 -10.67
CA ASP A 478 24.53 8.13 -10.14
C ASP A 478 25.53 8.72 -9.15
N LEU A 479 25.37 8.35 -7.87
CA LEU A 479 26.22 8.88 -6.80
C LEU A 479 27.46 8.01 -6.47
N THR A 480 27.72 6.99 -7.28
CA THR A 480 28.83 6.07 -7.00
C THR A 480 30.12 6.83 -6.70
N ASP A 481 30.55 7.69 -7.63
CA ASP A 481 31.81 8.41 -7.46
C ASP A 481 31.79 9.27 -6.19
N ILE A 482 30.70 9.99 -5.98
CA ILE A 482 30.60 10.86 -4.82
C ILE A 482 30.72 10.07 -3.51
N VAL A 483 29.93 9.01 -3.39
CA VAL A 483 29.98 8.16 -2.21
C VAL A 483 31.39 7.55 -2.01
N SER A 484 32.07 7.20 -3.10
CA SER A 484 33.40 6.60 -2.99
C SER A 484 34.39 7.61 -2.42
N GLU A 485 34.29 8.84 -2.90
CA GLU A 485 35.21 9.89 -2.51
C GLU A 485 35.03 10.23 -1.04
N LEU A 486 33.78 10.34 -0.62
CA LEU A 486 33.45 10.67 0.76
C LEU A 486 33.99 9.61 1.72
N ARG A 487 33.77 8.35 1.35
CA ARG A 487 34.29 7.25 2.14
C ARG A 487 35.80 7.33 2.25
N GLY A 488 36.48 7.57 1.14
CA GLY A 488 37.94 7.65 1.16
C GLY A 488 38.41 8.78 2.05
N GLN A 489 37.68 9.90 2.03
CA GLN A 489 38.05 11.06 2.82
C GLN A 489 38.01 10.67 4.28
N LEU A 490 36.93 10.00 4.66
CA LEU A 490 36.71 9.61 6.05
C LEU A 490 37.85 8.71 6.57
N LEU A 491 38.51 7.99 5.67
CA LEU A 491 39.61 7.10 6.05
C LEU A 491 41.02 7.70 5.90
N GLU A 492 41.12 8.98 5.58
CA GLU A 492 42.42 9.63 5.45
C GLU A 492 43.13 9.67 6.81
N ALA A 493 44.44 9.50 6.79
CA ALA A 493 45.21 9.56 8.04
C ALA A 493 45.72 10.98 8.27
#